data_1HVV
#
_entry.id   1HVV
#
_cell.length_a   88.320
_cell.length_b   88.320
_cell.length_c   115.620
_cell.angle_alpha   90.00
_cell.angle_beta   90.00
_cell.angle_gamma   120.00
#
_symmetry.space_group_name_H-M   'P 31 2 1'
#
loop_
_entity.id
_entity.type
_entity.pdbx_description
1 polymer 'SYNTAXIN 1A'
2 non-polymer 'D(-)-TARTARIC ACID'
3 water water
#
_entity_poly.entity_id   1
_entity_poly.type   'polypeptide(L)'
_entity_poly.pdbx_seq_one_letter_code
;QALSEIETRHSEIIKLENSIRELHDMFMDMAMLVESQGEMIDRIEYNVEHAVDYVERAVSDTKKAVKYQSKARRK
;
_entity_poly.pdbx_strand_id   A,B,C,D
#
# COMPACT_ATOMS: atom_id res chain seq x y z
N GLN A 1 3.45 31.06 33.50
CA GLN A 1 4.74 30.71 34.14
C GLN A 1 5.61 29.86 33.22
N ALA A 2 6.84 30.33 33.00
CA ALA A 2 7.79 29.67 32.13
C ALA A 2 7.97 28.19 32.50
N LEU A 3 8.26 27.37 31.51
CA LEU A 3 8.46 25.94 31.74
C LEU A 3 9.84 25.71 32.33
N SER A 4 9.93 24.79 33.27
CA SER A 4 11.23 24.45 33.86
C SER A 4 11.92 23.62 32.79
N GLU A 5 13.17 23.24 33.04
CA GLU A 5 13.91 22.43 32.06
C GLU A 5 13.24 21.06 31.90
N ILE A 6 12.92 20.42 33.01
CA ILE A 6 12.29 19.11 32.98
C ILE A 6 10.96 19.20 32.21
N GLU A 7 10.21 20.28 32.41
CA GLU A 7 8.95 20.45 31.70
C GLU A 7 9.19 20.63 30.21
N THR A 8 10.31 21.27 29.87
CA THR A 8 10.64 21.49 28.47
C THR A 8 10.97 20.17 27.78
N ARG A 9 11.70 19.29 28.47
CA ARG A 9 12.06 17.98 27.91
C ARG A 9 10.76 17.19 27.68
N HIS A 10 9.83 17.31 28.61
CA HIS A 10 8.55 16.62 28.54
C HIS A 10 7.77 17.11 27.32
N SER A 11 7.69 18.42 27.16
CA SER A 11 6.98 18.99 26.03
C SER A 11 7.58 18.49 24.72
N GLU A 12 8.90 18.50 24.64
CA GLU A 12 9.61 18.05 23.46
C GLU A 12 9.30 16.59 23.09
N ILE A 13 9.35 15.68 24.06
CA ILE A 13 9.09 14.27 23.75
C ILE A 13 7.61 14.08 23.40
N ILE A 14 6.74 14.88 23.99
CA ILE A 14 5.30 14.79 23.67
C ILE A 14 5.06 15.18 22.21
N LYS A 15 5.66 16.28 21.78
CA LYS A 15 5.51 16.74 20.40
C LYS A 15 5.92 15.60 19.49
N LEU A 16 7.06 14.99 19.81
CA LEU A 16 7.58 13.89 19.02
C LEU A 16 6.56 12.75 18.90
N GLU A 17 5.84 12.45 19.98
CA GLU A 17 4.85 11.38 19.90
C GLU A 17 3.75 11.78 18.91
N ASN A 18 3.29 13.02 18.99
CA ASN A 18 2.23 13.49 18.10
C ASN A 18 2.70 13.47 16.64
N SER A 19 3.97 13.78 16.43
CA SER A 19 4.53 13.78 15.08
C SER A 19 4.59 12.38 14.50
N ILE A 20 5.10 11.43 15.28
CA ILE A 20 5.20 10.06 14.80
C ILE A 20 3.79 9.47 14.60
N ARG A 21 2.83 9.87 15.44
CA ARG A 21 1.47 9.35 15.28
C ARG A 21 0.92 9.84 13.94
N GLU A 22 1.24 11.08 13.57
CA GLU A 22 0.75 11.59 12.31
C GLU A 22 1.36 10.84 11.14
N LEU A 23 2.67 10.61 11.17
CA LEU A 23 3.31 9.85 10.09
C LEU A 23 2.64 8.49 9.99
N HIS A 24 2.37 7.88 11.14
CA HIS A 24 1.75 6.58 11.19
C HIS A 24 0.32 6.57 10.64
N ASP A 25 -0.42 7.66 10.86
CA ASP A 25 -1.80 7.79 10.38
C ASP A 25 -1.83 7.95 8.85
N MET A 26 -0.90 8.74 8.32
CA MET A 26 -0.81 8.96 6.89
C MET A 26 -0.53 7.63 6.21
N PHE A 27 0.42 6.88 6.76
CA PHE A 27 0.79 5.60 6.18
C PHE A 27 -0.36 4.60 6.24
N MET A 28 -1.05 4.53 7.37
CA MET A 28 -2.15 3.60 7.50
C MET A 28 -3.31 3.90 6.55
N ASP A 29 -3.53 5.16 6.21
CA ASP A 29 -4.59 5.46 5.28
C ASP A 29 -4.25 4.82 3.95
N MET A 30 -3.04 5.07 3.47
CA MET A 30 -2.61 4.51 2.21
C MET A 30 -2.66 2.99 2.26
N ALA A 31 -2.23 2.42 3.39
CA ALA A 31 -2.23 0.97 3.54
C ALA A 31 -3.64 0.39 3.45
N MET A 32 -4.63 1.16 3.88
CA MET A 32 -6.00 0.68 3.82
C MET A 32 -6.52 0.77 2.39
N LEU A 33 -6.08 1.80 1.67
CA LEU A 33 -6.47 1.95 0.27
C LEU A 33 -5.84 0.82 -0.54
N VAL A 34 -4.62 0.40 -0.18
CA VAL A 34 -3.97 -0.67 -0.91
C VAL A 34 -4.69 -2.00 -0.65
N GLU A 35 -5.06 -2.24 0.61
CA GLU A 35 -5.78 -3.46 0.99
C GLU A 35 -7.08 -3.54 0.19
N SER A 36 -7.74 -2.40 0.09
CA SER A 36 -8.97 -2.24 -0.63
C SER A 36 -8.78 -2.58 -2.12
N GLN A 37 -7.64 -2.19 -2.69
CA GLN A 37 -7.34 -2.45 -4.09
C GLN A 37 -7.21 -3.95 -4.33
N GLY A 38 -6.62 -4.65 -3.37
CA GLY A 38 -6.45 -6.08 -3.50
C GLY A 38 -7.79 -6.80 -3.52
N GLU A 39 -8.73 -6.31 -2.71
CA GLU A 39 -10.06 -6.89 -2.62
C GLU A 39 -10.79 -6.70 -3.94
N MET A 40 -10.61 -5.54 -4.56
CA MET A 40 -11.25 -5.24 -5.83
C MET A 40 -10.69 -6.18 -6.90
N ILE A 41 -9.39 -6.44 -6.85
CA ILE A 41 -8.77 -7.34 -7.81
C ILE A 41 -9.31 -8.76 -7.61
N ASP A 42 -9.55 -9.13 -6.36
CA ASP A 42 -10.10 -10.46 -6.04
C ASP A 42 -11.51 -10.58 -6.64
N ARG A 43 -12.30 -9.52 -6.52
CA ARG A 43 -13.64 -9.53 -7.06
C ARG A 43 -13.60 -9.65 -8.57
N ILE A 44 -12.68 -8.92 -9.21
CA ILE A 44 -12.54 -8.99 -10.64
C ILE A 44 -12.16 -10.41 -11.03
N GLU A 45 -11.13 -10.96 -10.38
CA GLU A 45 -10.70 -12.31 -10.67
C GLU A 45 -11.89 -13.25 -10.54
N TYR A 46 -12.65 -13.07 -9.47
CA TYR A 46 -13.83 -13.90 -9.21
C TYR A 46 -14.85 -13.83 -10.36
N ASN A 47 -15.06 -12.62 -10.89
CA ASN A 47 -16.00 -12.44 -11.98
C ASN A 47 -15.52 -13.01 -13.32
N VAL A 48 -14.23 -12.90 -13.62
CA VAL A 48 -13.71 -13.44 -14.86
C VAL A 48 -13.75 -14.97 -14.79
N GLU A 49 -13.47 -15.52 -13.61
CA GLU A 49 -13.49 -16.96 -13.42
C GLU A 49 -14.89 -17.53 -13.68
N HIS A 50 -15.89 -16.82 -13.16
CA HIS A 50 -17.27 -17.22 -13.32
C HIS A 50 -17.65 -17.08 -14.79
N ALA A 51 -17.04 -16.12 -15.49
CA ALA A 51 -17.30 -15.93 -16.91
C ALA A 51 -16.69 -17.10 -17.67
N VAL A 52 -15.50 -17.52 -17.26
CA VAL A 52 -14.82 -18.63 -17.91
C VAL A 52 -15.63 -19.91 -17.80
N ASP A 53 -16.19 -20.17 -16.61
CA ASP A 53 -17.02 -21.35 -16.40
C ASP A 53 -18.26 -21.30 -17.29
N TYR A 54 -18.77 -20.09 -17.50
CA TYR A 54 -19.95 -19.87 -18.33
C TYR A 54 -19.64 -20.27 -19.77
N VAL A 55 -18.56 -19.74 -20.31
CA VAL A 55 -18.13 -20.03 -21.67
C VAL A 55 -17.86 -21.52 -21.85
N GLU A 56 -17.17 -22.12 -20.88
CA GLU A 56 -16.88 -23.54 -20.93
C GLU A 56 -18.15 -24.34 -21.13
N ARG A 57 -19.15 -24.08 -20.29
CA ARG A 57 -20.44 -24.77 -20.37
C ARG A 57 -21.04 -24.66 -21.77
N ALA A 58 -21.01 -23.46 -22.32
CA ALA A 58 -21.56 -23.21 -23.64
C ALA A 58 -20.77 -23.88 -24.75
N VAL A 59 -19.46 -24.03 -24.55
CA VAL A 59 -18.63 -24.67 -25.54
C VAL A 59 -18.94 -26.15 -25.52
N SER A 60 -19.27 -26.66 -24.35
CA SER A 60 -19.62 -28.07 -24.21
C SER A 60 -20.97 -28.34 -24.87
N ASP A 61 -21.96 -27.51 -24.56
CA ASP A 61 -23.30 -27.67 -25.12
C ASP A 61 -23.36 -27.42 -26.62
N THR A 62 -22.53 -26.52 -27.12
CA THR A 62 -22.54 -26.24 -28.55
C THR A 62 -21.96 -27.44 -29.31
N LYS A 63 -21.00 -28.12 -28.68
CA LYS A 63 -20.38 -29.29 -29.28
C LYS A 63 -21.30 -30.51 -29.19
N LYS A 64 -22.09 -30.58 -28.12
CA LYS A 64 -23.00 -31.71 -27.94
C LYS A 64 -24.19 -31.63 -28.89
N ALA A 65 -24.38 -30.45 -29.49
CA ALA A 65 -25.47 -30.27 -30.44
C ALA A 65 -25.05 -30.96 -31.73
N VAL A 66 -23.73 -31.03 -31.96
CA VAL A 66 -23.15 -31.66 -33.14
C VAL A 66 -23.78 -33.02 -33.43
N LYS A 67 -24.34 -33.66 -32.41
CA LYS A 67 -24.98 -34.96 -32.60
C LYS A 67 -26.49 -34.75 -32.76
N SER B 4 30.90 22.89 21.01
CA SER B 4 30.06 23.05 22.23
C SER B 4 28.86 22.10 22.24
N GLU B 5 27.97 22.30 23.20
CA GLU B 5 26.78 21.46 23.33
C GLU B 5 25.62 22.00 22.50
N ILE B 6 25.54 23.33 22.39
CA ILE B 6 24.47 23.95 21.61
C ILE B 6 24.60 23.52 20.15
N GLU B 7 25.80 23.63 19.62
CA GLU B 7 26.09 23.27 18.24
C GLU B 7 25.65 21.85 17.90
N THR B 8 26.04 20.89 18.75
CA THR B 8 25.68 19.50 18.53
C THR B 8 24.19 19.28 18.83
N ARG B 9 23.70 19.87 19.91
CA ARG B 9 22.31 19.75 20.31
C ARG B 9 21.38 20.28 19.22
N HIS B 10 21.56 21.54 18.85
CA HIS B 10 20.75 22.18 17.83
C HIS B 10 20.82 21.37 16.54
N SER B 11 22.02 20.87 16.25
CA SER B 11 22.26 20.08 15.05
C SER B 11 21.37 18.82 15.00
N GLU B 12 21.15 18.22 16.17
CA GLU B 12 20.32 17.01 16.26
C GLU B 12 18.83 17.31 16.22
N ILE B 13 18.45 18.50 16.69
CA ILE B 13 17.04 18.87 16.67
C ILE B 13 16.63 19.09 15.21
N ILE B 14 17.57 19.60 14.41
CA ILE B 14 17.32 19.85 12.99
C ILE B 14 17.34 18.56 12.17
N LYS B 15 18.22 17.64 12.53
CA LYS B 15 18.30 16.37 11.81
C LYS B 15 16.99 15.60 11.98
N LEU B 16 16.48 15.56 13.21
CA LEU B 16 15.24 14.86 13.50
C LEU B 16 14.08 15.44 12.71
N GLU B 17 13.93 16.75 12.76
CA GLU B 17 12.84 17.41 12.05
C GLU B 17 12.96 17.23 10.54
N ASN B 18 14.19 17.28 10.03
CA ASN B 18 14.43 17.11 8.59
C ASN B 18 14.07 15.72 8.11
N SER B 19 14.44 14.70 8.89
CA SER B 19 14.16 13.33 8.50
C SER B 19 12.67 13.05 8.57
N ILE B 20 11.96 13.74 9.45
CA ILE B 20 10.52 13.55 9.56
C ILE B 20 9.81 14.18 8.37
N ARG B 21 10.27 15.37 7.96
CA ARG B 21 9.65 16.06 6.84
C ARG B 21 9.96 15.35 5.52
N GLU B 22 11.15 14.76 5.45
CA GLU B 22 11.56 14.04 4.25
C GLU B 22 10.69 12.80 4.05
N LEU B 23 10.35 12.13 5.15
CA LEU B 23 9.51 10.94 5.04
C LEU B 23 8.12 11.40 4.64
N HIS B 24 7.69 12.52 5.22
CA HIS B 24 6.38 13.07 4.91
C HIS B 24 6.33 13.29 3.41
N ASP B 25 7.37 13.91 2.86
CA ASP B 25 7.44 14.17 1.43
C ASP B 25 7.34 12.87 0.66
N MET B 26 8.11 11.86 1.07
CA MET B 26 8.09 10.56 0.41
C MET B 26 6.67 9.98 0.46
N PHE B 27 5.95 10.28 1.52
CA PHE B 27 4.58 9.78 1.66
C PHE B 27 3.68 10.45 0.63
N MET B 28 4.06 11.66 0.22
CA MET B 28 3.27 12.37 -0.78
C MET B 28 3.40 11.65 -2.11
N ASP B 29 4.60 11.16 -2.39
CA ASP B 29 4.84 10.43 -3.63
C ASP B 29 4.18 9.08 -3.60
N MET B 30 4.12 8.48 -2.41
CA MET B 30 3.48 7.18 -2.26
C MET B 30 1.99 7.32 -2.53
N ALA B 31 1.39 8.35 -1.94
CA ALA B 31 -0.03 8.60 -2.11
C ALA B 31 -0.38 8.69 -3.59
N MET B 32 0.47 9.37 -4.35
CA MET B 32 0.27 9.52 -5.79
C MET B 32 0.24 8.18 -6.49
N LEU B 33 1.20 7.32 -6.16
CA LEU B 33 1.26 6.00 -6.78
C LEU B 33 0.06 5.14 -6.35
N VAL B 34 -0.43 5.35 -5.13
CA VAL B 34 -1.59 4.60 -4.64
C VAL B 34 -2.80 5.01 -5.49
N GLU B 35 -2.88 6.29 -5.80
CA GLU B 35 -3.98 6.79 -6.62
C GLU B 35 -3.90 6.22 -8.02
N SER B 36 -2.71 6.23 -8.63
CA SER B 36 -2.54 5.69 -9.98
C SER B 36 -2.92 4.21 -10.03
N GLN B 37 -2.57 3.49 -8.97
CA GLN B 37 -2.90 2.08 -8.87
C GLN B 37 -4.41 1.91 -8.87
N GLY B 38 -5.08 2.65 -8.01
CA GLY B 38 -6.53 2.55 -7.93
C GLY B 38 -7.20 2.86 -9.25
N GLU B 39 -6.77 3.93 -9.90
CA GLU B 39 -7.36 4.32 -11.17
C GLU B 39 -7.11 3.25 -12.23
N MET B 40 -5.91 2.69 -12.26
CA MET B 40 -5.62 1.67 -13.26
C MET B 40 -6.52 0.47 -13.00
N ILE B 41 -6.83 0.21 -11.73
CA ILE B 41 -7.69 -0.89 -11.37
C ILE B 41 -9.14 -0.59 -11.77
N ASP B 42 -9.54 0.68 -11.67
CA ASP B 42 -10.90 1.08 -12.06
C ASP B 42 -11.06 0.80 -13.56
N ARG B 43 -10.06 1.23 -14.33
CA ARG B 43 -10.02 1.05 -15.78
C ARG B 43 -10.06 -0.44 -16.13
N ILE B 44 -9.28 -1.25 -15.43
CA ILE B 44 -9.26 -2.68 -15.69
C ILE B 44 -10.63 -3.32 -15.36
N GLU B 45 -11.27 -2.86 -14.30
CA GLU B 45 -12.60 -3.37 -13.92
C GLU B 45 -13.58 -3.12 -15.08
N TYR B 46 -13.48 -1.93 -15.67
CA TYR B 46 -14.31 -1.52 -16.80
C TYR B 46 -14.07 -2.40 -18.00
N ASN B 47 -12.81 -2.53 -18.40
CA ASN B 47 -12.45 -3.36 -19.56
C ASN B 47 -12.86 -4.81 -19.34
N VAL B 48 -12.69 -5.32 -18.12
CA VAL B 48 -13.07 -6.70 -17.83
C VAL B 48 -14.59 -6.89 -17.86
N GLU B 49 -15.34 -5.89 -17.41
CA GLU B 49 -16.80 -5.98 -17.42
C GLU B 49 -17.23 -6.08 -18.86
N HIS B 50 -16.59 -5.31 -19.72
CA HIS B 50 -16.89 -5.28 -21.14
C HIS B 50 -16.56 -6.59 -21.86
N ALA B 51 -15.39 -7.14 -21.55
CA ALA B 51 -14.94 -8.40 -22.16
C ALA B 51 -15.81 -9.56 -21.72
N VAL B 52 -16.25 -9.54 -20.47
CA VAL B 52 -17.11 -10.59 -19.95
C VAL B 52 -18.46 -10.53 -20.69
N ASP B 53 -19.01 -9.34 -20.80
CA ASP B 53 -20.30 -9.14 -21.46
C ASP B 53 -20.25 -9.53 -22.93
N TYR B 54 -19.14 -9.14 -23.57
CA TYR B 54 -18.91 -9.40 -24.98
C TYR B 54 -18.83 -10.88 -25.29
N VAL B 55 -17.99 -11.59 -24.56
CA VAL B 55 -17.83 -13.01 -24.80
C VAL B 55 -19.06 -13.83 -24.46
N GLU B 56 -19.79 -13.45 -23.41
CA GLU B 56 -20.98 -14.20 -23.03
C GLU B 56 -22.09 -13.95 -24.06
N ARG B 57 -22.14 -12.76 -24.63
CA ARG B 57 -23.13 -12.46 -25.67
C ARG B 57 -22.84 -13.33 -26.88
N ALA B 58 -21.57 -13.32 -27.30
CA ALA B 58 -21.13 -14.09 -28.47
C ALA B 58 -21.36 -15.58 -28.25
N VAL B 59 -21.12 -16.02 -27.02
CA VAL B 59 -21.30 -17.42 -26.64
C VAL B 59 -22.75 -17.87 -26.76
N SER B 60 -23.68 -16.99 -26.40
CA SER B 60 -25.09 -17.32 -26.47
C SER B 60 -25.61 -17.35 -27.91
N ASP B 61 -25.23 -16.34 -28.70
CA ASP B 61 -25.68 -16.27 -30.08
C ASP B 61 -25.25 -17.49 -30.88
N THR B 62 -24.17 -18.13 -30.42
CA THR B 62 -23.65 -19.31 -31.09
C THR B 62 -24.45 -20.55 -30.67
N LYS B 63 -24.93 -20.56 -29.43
CA LYS B 63 -25.72 -21.68 -28.95
C LYS B 63 -27.14 -21.62 -29.50
N LYS B 64 -27.56 -20.43 -29.90
CA LYS B 64 -28.91 -20.24 -30.45
C LYS B 64 -28.91 -20.25 -31.96
N ALA B 65 -27.71 -20.20 -32.55
CA ALA B 65 -27.57 -20.24 -34.00
C ALA B 65 -26.69 -21.43 -34.36
N GLN C 1 -9.45 -29.50 -35.54
CA GLN C 1 -8.06 -29.20 -35.09
C GLN C 1 -7.87 -27.70 -34.80
N ALA C 2 -8.03 -26.86 -35.81
CA ALA C 2 -7.88 -25.42 -35.62
C ALA C 2 -9.04 -25.00 -34.71
N LEU C 3 -8.91 -23.86 -34.05
CA LEU C 3 -9.97 -23.39 -33.15
C LEU C 3 -11.20 -22.87 -33.86
N SER C 4 -12.36 -23.10 -33.28
CA SER C 4 -13.60 -22.60 -33.85
C SER C 4 -13.72 -21.20 -33.25
N GLU C 5 -14.71 -20.43 -33.66
CA GLU C 5 -14.88 -19.08 -33.13
C GLU C 5 -15.20 -19.11 -31.63
N ILE C 6 -16.03 -20.05 -31.21
CA ILE C 6 -16.40 -20.14 -29.81
C ILE C 6 -15.20 -20.58 -28.98
N GLU C 7 -14.38 -21.48 -29.51
CA GLU C 7 -13.19 -21.93 -28.78
C GLU C 7 -12.18 -20.80 -28.67
N THR C 8 -12.10 -19.96 -29.70
CA THR C 8 -11.17 -18.84 -29.68
C THR C 8 -11.57 -17.82 -28.61
N ARG C 9 -12.88 -17.60 -28.47
CA ARG C 9 -13.38 -16.67 -27.46
C ARG C 9 -12.96 -17.24 -26.10
N HIS C 10 -13.27 -18.51 -25.88
CA HIS C 10 -12.95 -19.22 -24.65
C HIS C 10 -11.47 -19.10 -24.30
N SER C 11 -10.61 -19.31 -25.28
CA SER C 11 -9.17 -19.22 -25.03
C SER C 11 -8.79 -17.83 -24.56
N GLU C 12 -9.39 -16.81 -25.17
CA GLU C 12 -9.09 -15.43 -24.82
C GLU C 12 -9.49 -15.09 -23.39
N ILE C 13 -10.67 -15.52 -22.97
CA ILE C 13 -11.16 -15.23 -21.63
C ILE C 13 -10.35 -16.01 -20.59
N ILE C 14 -9.93 -17.24 -20.92
CA ILE C 14 -9.13 -18.02 -19.99
C ILE C 14 -7.79 -17.35 -19.83
N LYS C 15 -7.25 -16.82 -20.92
CA LYS C 15 -5.98 -16.15 -20.89
C LYS C 15 -6.07 -14.91 -19.97
N LEU C 16 -7.18 -14.18 -20.07
CA LEU C 16 -7.37 -12.99 -19.24
C LEU C 16 -7.48 -13.34 -17.75
N GLU C 17 -8.15 -14.45 -17.45
CA GLU C 17 -8.32 -14.88 -16.08
C GLU C 17 -6.97 -15.26 -15.46
N ASN C 18 -6.21 -16.14 -16.11
CA ASN C 18 -4.91 -16.52 -15.57
C ASN C 18 -4.07 -15.29 -15.29
N SER C 19 -4.14 -14.32 -16.20
CA SER C 19 -3.40 -13.08 -16.08
C SER C 19 -3.87 -12.24 -14.90
N ILE C 20 -5.18 -12.22 -14.63
CA ILE C 20 -5.67 -11.46 -13.51
C ILE C 20 -5.26 -12.18 -12.23
N ARG C 21 -5.38 -13.50 -12.24
CA ARG C 21 -5.01 -14.31 -11.09
C ARG C 21 -3.54 -14.22 -10.77
N GLU C 22 -2.69 -14.21 -11.80
CA GLU C 22 -1.25 -14.18 -11.55
C GLU C 22 -0.73 -12.88 -10.99
N LEU C 23 -1.60 -11.88 -10.89
CA LEU C 23 -1.23 -10.59 -10.33
C LEU C 23 -1.02 -10.80 -8.80
N HIS C 24 -1.55 -11.92 -8.30
CA HIS C 24 -1.48 -12.28 -6.88
C HIS C 24 -0.10 -12.23 -6.22
N ASP C 25 0.83 -13.02 -6.72
CA ASP C 25 2.16 -13.05 -6.13
C ASP C 25 2.79 -11.66 -5.96
N MET C 26 2.68 -10.82 -6.99
CA MET C 26 3.26 -9.48 -6.95
C MET C 26 2.54 -8.59 -5.97
N PHE C 27 1.22 -8.66 -5.96
CA PHE C 27 0.44 -7.84 -5.03
C PHE C 27 0.72 -8.22 -3.58
N MET C 28 0.83 -9.52 -3.33
CA MET C 28 1.09 -10.03 -1.98
C MET C 28 2.47 -9.60 -1.53
N ASP C 29 3.41 -9.52 -2.47
CA ASP C 29 4.76 -9.10 -2.15
C ASP C 29 4.72 -7.63 -1.74
N MET C 30 4.03 -6.81 -2.53
CA MET C 30 3.92 -5.41 -2.20
C MET C 30 3.19 -5.21 -0.89
N ALA C 31 2.07 -5.90 -0.74
CA ALA C 31 1.24 -5.80 0.46
C ALA C 31 2.04 -6.17 1.71
N MET C 32 2.81 -7.25 1.62
CA MET C 32 3.64 -7.69 2.74
C MET C 32 4.66 -6.62 3.10
N LEU C 33 5.23 -5.97 2.09
CA LEU C 33 6.21 -4.92 2.32
C LEU C 33 5.54 -3.71 2.97
N VAL C 34 4.37 -3.33 2.48
CA VAL C 34 3.65 -2.19 3.02
C VAL C 34 3.21 -2.47 4.47
N GLU C 35 2.74 -3.69 4.71
CA GLU C 35 2.28 -4.07 6.03
C GLU C 35 3.46 -4.07 7.01
N SER C 36 4.60 -4.58 6.54
CA SER C 36 5.80 -4.63 7.36
C SER C 36 6.27 -3.22 7.72
N GLN C 37 6.16 -2.29 6.76
CA GLN C 37 6.56 -0.92 6.99
C GLN C 37 5.67 -0.26 8.06
N GLY C 38 4.38 -0.55 8.00
CA GLY C 38 3.46 0.02 8.95
C GLY C 38 3.81 -0.39 10.38
N GLU C 39 4.22 -1.64 10.55
CA GLU C 39 4.57 -2.13 11.87
C GLU C 39 5.87 -1.52 12.37
N MET C 40 6.79 -1.23 11.47
CA MET C 40 8.04 -0.61 11.85
C MET C 40 7.69 0.77 12.43
N ILE C 41 6.89 1.53 11.69
CA ILE C 41 6.49 2.85 12.13
C ILE C 41 5.79 2.79 13.49
N ASP C 42 4.93 1.79 13.64
CA ASP C 42 4.16 1.59 14.86
C ASP C 42 5.07 1.24 16.06
N ARG C 43 6.18 0.57 15.79
CA ARG C 43 7.11 0.22 16.87
C ARG C 43 7.85 1.47 17.31
N ILE C 44 8.14 2.35 16.36
CA ILE C 44 8.83 3.58 16.68
C ILE C 44 7.91 4.44 17.54
N GLU C 45 6.62 4.48 17.18
CA GLU C 45 5.66 5.27 17.96
C GLU C 45 5.53 4.68 19.35
N TYR C 46 5.57 3.36 19.43
CA TYR C 46 5.47 2.65 20.70
C TYR C 46 6.61 3.04 21.64
N ASN C 47 7.83 3.07 21.12
CA ASN C 47 8.99 3.44 21.93
C ASN C 47 8.94 4.90 22.37
N VAL C 48 8.50 5.78 21.48
CA VAL C 48 8.40 7.19 21.85
C VAL C 48 7.32 7.30 22.93
N GLU C 49 6.28 6.50 22.80
CA GLU C 49 5.18 6.49 23.76
C GLU C 49 5.73 6.12 25.13
N HIS C 50 6.66 5.16 25.16
CA HIS C 50 7.28 4.73 26.40
C HIS C 50 8.15 5.82 26.98
N ALA C 51 8.87 6.53 26.11
CA ALA C 51 9.72 7.62 26.52
C ALA C 51 8.86 8.71 27.17
N VAL C 52 7.72 9.03 26.57
CA VAL C 52 6.83 10.05 27.11
C VAL C 52 6.33 9.68 28.51
N ASP C 53 6.02 8.41 28.72
CA ASP C 53 5.53 7.94 30.01
C ASP C 53 6.62 8.01 31.07
N TYR C 54 7.83 7.63 30.68
CA TYR C 54 8.98 7.65 31.58
C TYR C 54 9.18 9.07 32.07
N VAL C 55 9.28 10.02 31.13
CA VAL C 55 9.46 11.42 31.46
C VAL C 55 8.31 12.01 32.26
N GLU C 56 7.09 11.64 31.91
CA GLU C 56 5.92 12.16 32.61
C GLU C 56 5.91 11.73 34.06
N ARG C 57 6.42 10.53 34.32
CA ARG C 57 6.48 9.98 35.66
C ARG C 57 7.56 10.74 36.43
N ALA C 58 8.70 10.95 35.80
CA ALA C 58 9.78 11.68 36.44
C ALA C 58 9.34 13.11 36.76
N VAL C 59 8.67 13.75 35.81
CA VAL C 59 8.20 15.11 36.03
C VAL C 59 7.20 15.14 37.19
N SER C 60 6.31 14.16 37.22
CA SER C 60 5.32 14.08 38.29
C SER C 60 5.99 13.75 39.64
N ASP C 61 7.03 12.93 39.60
CA ASP C 61 7.72 12.57 40.83
C ASP C 61 8.53 13.76 41.38
N THR C 62 9.29 14.39 40.50
CA THR C 62 10.11 15.53 40.89
C THR C 62 9.26 16.61 41.56
N LYS C 63 8.11 16.92 40.98
CA LYS C 63 7.24 17.92 41.57
C LYS C 63 6.89 17.55 43.00
N LYS C 64 6.82 16.25 43.27
CA LYS C 64 6.49 15.76 44.62
C LYS C 64 7.56 16.22 45.60
N ALA C 65 8.82 16.15 45.17
CA ALA C 65 9.94 16.55 46.02
C ALA C 65 10.05 18.07 46.12
N VAL C 66 8.97 18.77 45.79
CA VAL C 66 8.95 20.23 45.84
C VAL C 66 8.15 20.69 47.06
N SER D 4 -12.01 -3.38 -38.83
CA SER D 4 -13.16 -4.33 -38.76
C SER D 4 -13.48 -4.64 -37.31
N GLU D 5 -14.60 -5.32 -37.09
CA GLU D 5 -15.01 -5.69 -35.74
C GLU D 5 -13.92 -6.56 -35.10
N ILE D 6 -13.22 -7.31 -35.94
CA ILE D 6 -12.13 -8.18 -35.48
C ILE D 6 -10.97 -7.34 -34.96
N GLU D 7 -10.64 -6.28 -35.69
CA GLU D 7 -9.54 -5.41 -35.30
C GLU D 7 -9.88 -4.75 -33.96
N THR D 8 -11.10 -4.24 -33.85
CA THR D 8 -11.57 -3.60 -32.62
C THR D 8 -11.37 -4.52 -31.42
N ARG D 9 -11.89 -5.74 -31.50
CA ARG D 9 -11.76 -6.70 -30.42
C ARG D 9 -10.31 -7.01 -30.09
N HIS D 10 -9.46 -7.01 -31.10
CA HIS D 10 -8.04 -7.31 -30.91
C HIS D 10 -7.32 -6.15 -30.20
N SER D 11 -7.69 -4.91 -30.52
CA SER D 11 -7.04 -3.79 -29.87
C SER D 11 -7.48 -3.77 -28.40
N GLU D 12 -8.72 -4.16 -28.15
CA GLU D 12 -9.26 -4.20 -26.80
C GLU D 12 -8.53 -5.22 -25.93
N ILE D 13 -8.20 -6.37 -26.51
CA ILE D 13 -7.49 -7.41 -25.78
C ILE D 13 -6.04 -7.01 -25.50
N ILE D 14 -5.39 -6.37 -26.46
CA ILE D 14 -4.01 -5.95 -26.29
C ILE D 14 -3.91 -4.82 -25.26
N LYS D 15 -4.81 -3.86 -25.34
CA LYS D 15 -4.79 -2.75 -24.38
C LYS D 15 -4.97 -3.33 -22.98
N LEU D 16 -6.05 -4.09 -22.77
CA LEU D 16 -6.31 -4.70 -21.47
C LEU D 16 -5.08 -5.48 -21.00
N GLU D 17 -4.39 -6.14 -21.92
CA GLU D 17 -3.17 -6.88 -21.55
C GLU D 17 -2.06 -5.94 -21.07
N ASN D 18 -1.84 -4.86 -21.81
CA ASN D 18 -0.80 -3.91 -21.43
C ASN D 18 -1.14 -3.27 -20.08
N SER D 19 -2.43 -3.02 -19.87
CA SER D 19 -2.90 -2.43 -18.62
C SER D 19 -2.55 -3.32 -17.43
N ILE D 20 -2.77 -4.61 -17.57
CA ILE D 20 -2.50 -5.57 -16.52
C ILE D 20 -1.01 -5.64 -16.21
N ARG D 21 -0.20 -5.64 -17.26
CA ARG D 21 1.25 -5.69 -17.13
C ARG D 21 1.70 -4.40 -16.47
N GLU D 22 1.09 -3.30 -16.88
CA GLU D 22 1.40 -1.98 -16.34
C GLU D 22 1.08 -1.89 -14.85
N LEU D 23 -0.06 -2.44 -14.45
CA LEU D 23 -0.44 -2.43 -13.05
C LEU D 23 0.64 -3.21 -12.33
N HIS D 24 1.00 -4.37 -12.88
CA HIS D 24 2.03 -5.22 -12.31
C HIS D 24 3.32 -4.43 -12.06
N ASP D 25 3.61 -3.50 -12.96
CA ASP D 25 4.82 -2.70 -12.82
C ASP D 25 4.67 -1.62 -11.74
N MET D 26 3.47 -1.07 -11.59
CA MET D 26 3.25 -0.06 -10.55
C MET D 26 3.50 -0.75 -9.22
N PHE D 27 3.05 -2.00 -9.09
CA PHE D 27 3.28 -2.77 -7.87
C PHE D 27 4.78 -2.93 -7.62
N MET D 28 5.57 -3.07 -8.69
CA MET D 28 7.02 -3.22 -8.54
C MET D 28 7.54 -1.89 -8.02
N ASP D 29 7.14 -0.82 -8.68
CA ASP D 29 7.53 0.54 -8.30
C ASP D 29 7.16 0.83 -6.84
N MET D 30 6.00 0.33 -6.41
CA MET D 30 5.55 0.55 -5.05
C MET D 30 6.51 -0.15 -4.10
N ALA D 31 6.84 -1.40 -4.43
CA ALA D 31 7.75 -2.18 -3.60
C ALA D 31 9.06 -1.42 -3.41
N MET D 32 9.60 -0.89 -4.50
CA MET D 32 10.84 -0.14 -4.46
C MET D 32 10.70 1.12 -3.62
N LEU D 33 9.56 1.79 -3.77
CA LEU D 33 9.28 3.01 -3.03
C LEU D 33 9.24 2.72 -1.53
N VAL D 34 8.67 1.57 -1.17
CA VAL D 34 8.56 1.15 0.22
C VAL D 34 9.92 0.80 0.83
N GLU D 35 10.80 0.21 0.02
CA GLU D 35 12.12 -0.16 0.51
C GLU D 35 12.94 1.12 0.71
N SER D 36 12.70 2.10 -0.16
CA SER D 36 13.38 3.38 -0.09
C SER D 36 12.93 4.09 1.19
N GLN D 37 11.63 4.06 1.46
CA GLN D 37 11.12 4.72 2.66
C GLN D 37 11.66 3.98 3.90
N GLY D 38 11.94 2.70 3.73
CA GLY D 38 12.47 1.88 4.81
C GLY D 38 13.83 2.35 5.29
N GLU D 39 14.62 2.95 4.42
CA GLU D 39 15.94 3.45 4.82
C GLU D 39 15.70 4.76 5.55
N MET D 40 14.77 5.57 5.04
CA MET D 40 14.45 6.86 5.65
C MET D 40 13.91 6.60 7.06
N ILE D 41 13.13 5.53 7.22
CA ILE D 41 12.58 5.21 8.52
C ILE D 41 13.71 4.77 9.47
N ASP D 42 14.69 4.03 8.96
CA ASP D 42 15.81 3.59 9.79
C ASP D 42 16.55 4.84 10.26
N ARG D 43 16.69 5.83 9.37
CA ARG D 43 17.35 7.08 9.71
C ARG D 43 16.56 7.79 10.80
N ILE D 44 15.23 7.82 10.64
CA ILE D 44 14.37 8.46 11.63
C ILE D 44 14.44 7.75 12.98
N GLU D 45 14.37 6.42 12.96
CA GLU D 45 14.47 5.68 14.21
C GLU D 45 15.79 5.96 14.96
N TYR D 46 16.87 6.16 14.21
CA TYR D 46 18.17 6.46 14.80
C TYR D 46 18.11 7.83 15.48
N ASN D 47 17.47 8.79 14.81
CA ASN D 47 17.32 10.14 15.36
C ASN D 47 16.43 10.13 16.58
N VAL D 48 15.34 9.38 16.51
CA VAL D 48 14.37 9.27 17.59
C VAL D 48 14.94 8.56 18.80
N GLU D 49 15.68 7.49 18.57
CA GLU D 49 16.27 6.74 19.68
C GLU D 49 17.21 7.64 20.47
N HIS D 50 17.94 8.50 19.76
CA HIS D 50 18.85 9.43 20.40
C HIS D 50 18.06 10.51 21.14
N ALA D 51 16.94 10.93 20.56
CA ALA D 51 16.10 11.95 21.18
C ALA D 51 15.50 11.39 22.47
N VAL D 52 15.13 10.11 22.45
CA VAL D 52 14.58 9.46 23.64
C VAL D 52 15.68 9.39 24.70
N ASP D 53 16.90 9.04 24.27
CA ASP D 53 18.03 8.93 25.18
C ASP D 53 18.27 10.29 25.86
N TYR D 54 18.35 11.33 25.04
CA TYR D 54 18.59 12.67 25.54
C TYR D 54 17.61 13.11 26.63
N VAL D 55 16.31 13.05 26.36
CA VAL D 55 15.33 13.48 27.36
C VAL D 55 15.27 12.58 28.58
N GLU D 56 15.53 11.29 28.42
CA GLU D 56 15.50 10.38 29.57
C GLU D 56 16.71 10.63 30.48
N ARG D 57 17.89 10.84 29.88
CA ARG D 57 19.08 11.14 30.69
C ARG D 57 18.89 12.45 31.44
N ALA D 58 18.46 13.48 30.73
CA ALA D 58 18.26 14.82 31.31
C ALA D 58 17.21 14.84 32.41
N VAL D 59 16.27 13.91 32.34
CA VAL D 59 15.20 13.86 33.32
C VAL D 59 15.53 12.94 34.49
N SER D 60 16.59 12.15 34.33
CA SER D 60 17.01 11.24 35.39
C SER D 60 18.05 11.93 36.25
N ASP D 61 19.05 12.53 35.59
CA ASP D 61 20.11 13.22 36.31
C ASP D 61 19.52 14.31 37.21
N THR D 62 18.37 14.83 36.80
CA THR D 62 17.67 15.84 37.57
C THR D 62 16.83 15.09 38.60
N LYS D 63 17.44 14.05 39.16
CA LYS D 63 16.84 13.20 40.19
C LYS D 63 15.34 13.06 40.06
N LYS D 64 14.89 11.91 39.60
CA LYS D 64 13.46 11.66 39.43
C LYS D 64 13.21 10.19 39.11
#